data_3WV8
#
_entry.id   3WV8
#
_cell.length_a   84.920
_cell.length_b   84.920
_cell.length_c   120.600
_cell.angle_alpha   90.000
_cell.angle_beta   90.000
_cell.angle_gamma   120.000
#
_symmetry.space_group_name_H-M   'P 63'
#
loop_
_entity.id
_entity.type
_entity.pdbx_description
1 polymer 'Hmd co-occurring protein HcgE'
2 non-polymer "ADENOSINE-5'-TRIPHOSPHATE"
3 non-polymer 'SULFATE ION'
4 water water
#
_entity_poly.entity_id   1
_entity_poly.type   'polypeptide(L)'
_entity_poly.pdbx_seq_one_letter_code
;MEISELEGKKVPHGEVTLVGAGRLGFRTALNLMQIHRGGPERIKVIDGQKVSADDLIFRLMGAKIGEYKVKFIESLACDG
FSRTVQGIPEYITGDNLRLIGGDVVCVEIAGGDTLPITTEIIRYAQERGAATISTMGVFGIGEEDVSVVDIDEADPENPI
AAYLQAEGIHEHVLVGTGKLIRDWEPVTPHVLDRVSEVMTAEILKLLRGAQRLELVPR
;
_entity_poly.pdbx_strand_id   A,B
#
loop_
_chem_comp.id
_chem_comp.type
_chem_comp.name
_chem_comp.formula
ATP non-polymer ADENOSINE-5'-TRIPHOSPHATE 'C10 H16 N5 O13 P3'
SO4 non-polymer 'SULFATE ION' 'O4 S -2'
#
# COMPACT_ATOMS: atom_id res chain seq x y z
N LYS A 10 8.35 25.65 7.64
CA LYS A 10 7.38 24.64 8.15
C LYS A 10 6.93 23.83 6.96
N VAL A 11 7.56 22.67 6.75
CA VAL A 11 7.23 21.70 5.69
C VAL A 11 6.29 20.63 6.31
N PRO A 12 5.65 19.79 5.48
CA PRO A 12 4.94 18.64 6.07
C PRO A 12 5.84 17.76 6.94
N HIS A 13 5.29 17.08 7.95
CA HIS A 13 6.06 15.89 8.43
C HIS A 13 5.05 14.90 8.97
N GLY A 14 5.40 13.63 9.09
CA GLY A 14 4.46 12.80 9.89
C GLY A 14 3.54 12.00 9.02
N GLU A 15 3.06 10.88 9.52
CA GLU A 15 2.19 9.98 8.61
C GLU A 15 0.88 9.83 9.27
N VAL A 16 -0.19 10.11 8.49
CA VAL A 16 -1.59 9.83 8.93
C VAL A 16 -2.15 8.65 8.15
N THR A 17 -2.64 7.61 8.81
CA THR A 17 -3.37 6.57 8.14
C THR A 17 -4.80 6.81 8.34
N LEU A 18 -5.56 6.78 7.24
CA LEU A 18 -7.11 6.83 7.27
C LEU A 18 -7.62 5.47 6.95
N VAL A 19 -8.13 4.73 7.99
CA VAL A 19 -8.83 3.51 7.65
C VAL A 19 -10.29 3.90 7.53
N GLY A 20 -10.78 3.62 6.30
CA GLY A 20 -12.10 4.06 5.85
C GLY A 20 -12.07 5.29 5.04
N ALA A 21 -12.48 5.17 3.74
CA ALA A 21 -12.38 6.35 2.85
C ALA A 21 -13.67 6.44 2.02
N GLY A 22 -14.77 6.47 2.79
CA GLY A 22 -16.12 6.52 2.23
C GLY A 22 -16.51 8.00 2.20
N ARG A 23 -17.80 8.24 2.26
CA ARG A 23 -18.28 9.61 2.27
C ARG A 23 -17.68 10.51 3.32
N LEU A 24 -17.39 9.96 4.49
CA LEU A 24 -16.62 10.73 5.51
C LEU A 24 -15.13 10.75 5.32
N GLY A 25 -14.53 9.58 5.25
CA GLY A 25 -13.08 9.44 5.12
C GLY A 25 -12.58 10.18 3.88
N PHE A 26 -13.27 10.07 2.71
CA PHE A 26 -12.86 10.87 1.54
C PHE A 26 -12.74 12.39 1.81
N ARG A 27 -13.73 12.94 2.55
CA ARG A 27 -13.65 14.32 2.97
C ARG A 27 -12.42 14.56 3.83
N THR A 28 -12.14 13.62 4.72
CA THR A 28 -10.99 13.82 5.60
C THR A 28 -9.68 13.83 4.76
N ALA A 29 -9.55 12.86 3.86
CA ALA A 29 -8.43 12.83 2.94
C ALA A 29 -8.31 14.15 2.17
N LEU A 30 -9.38 14.67 1.59
CA LEU A 30 -9.28 15.92 0.77
C LEU A 30 -8.79 17.04 1.68
N ASN A 31 -9.34 17.10 2.92
CA ASN A 31 -8.93 18.16 3.78
C ASN A 31 -7.42 18.05 4.10
N LEU A 32 -6.99 16.87 4.48
CA LEU A 32 -5.53 16.66 4.83
C LEU A 32 -4.71 16.98 3.57
N MET A 33 -5.25 16.61 2.40
CA MET A 33 -4.33 16.73 1.18
C MET A 33 -4.08 18.17 0.77
N GLN A 34 -4.92 19.11 1.28
CA GLN A 34 -4.91 20.47 0.86
C GLN A 34 -4.15 21.37 1.79
N ILE A 35 -3.61 20.78 2.81
CA ILE A 35 -2.96 21.50 3.90
C ILE A 35 -1.65 22.06 3.44
N HIS A 36 -1.37 23.28 3.88
CA HIS A 36 -0.13 23.95 3.49
C HIS A 36 0.59 24.63 4.63
N ARG A 37 1.87 24.93 4.44
CA ARG A 37 2.70 25.29 5.60
C ARG A 37 2.61 24.30 6.82
N GLY A 38 2.75 23.01 6.54
CA GLY A 38 2.60 22.01 7.61
C GLY A 38 1.73 20.82 7.22
N GLY A 39 1.13 20.16 8.24
CA GLY A 39 0.36 18.97 8.00
C GLY A 39 1.26 17.80 7.67
N PRO A 40 0.67 16.65 7.38
CA PRO A 40 1.46 15.41 7.25
C PRO A 40 2.24 15.33 5.97
N GLU A 41 3.39 14.64 6.03
CA GLU A 41 4.14 14.37 4.78
C GLU A 41 3.55 13.15 4.11
N ARG A 42 2.96 12.21 4.87
CA ARG A 42 2.51 10.98 4.13
C ARG A 42 1.08 10.72 4.55
N ILE A 43 0.19 10.35 3.59
CA ILE A 43 -1.25 10.03 3.89
C ILE A 43 -1.46 8.65 3.33
N LYS A 44 -1.85 7.69 4.21
CA LYS A 44 -2.07 6.30 3.71
C LYS A 44 -3.60 6.20 3.85
N VAL A 45 -4.28 5.70 2.85
CA VAL A 45 -5.74 5.56 2.91
CA VAL A 45 -5.74 5.57 2.93
C VAL A 45 -6.10 4.13 2.64
N ILE A 46 -6.87 3.53 3.52
CA ILE A 46 -7.16 2.06 3.39
C ILE A 46 -8.66 1.77 3.38
N ASP A 47 -9.18 1.20 2.28
CA ASP A 47 -10.61 0.88 2.17
C ASP A 47 -10.77 -0.14 1.02
N GLY A 48 -11.65 -1.14 1.17
CA GLY A 48 -11.75 -2.27 0.26
C GLY A 48 -12.81 -2.00 -0.78
N GLN A 49 -13.47 -0.84 -0.75
CA GLN A 49 -14.75 -0.72 -1.55
C GLN A 49 -14.55 0.11 -2.77
N LYS A 50 -15.37 -0.15 -3.79
CA LYS A 50 -15.27 0.59 -5.09
C LYS A 50 -16.30 1.76 -5.05
N VAL A 51 -16.01 2.77 -5.83
CA VAL A 51 -17.03 3.84 -6.15
C VAL A 51 -18.34 3.26 -6.76
N SER A 52 -19.51 3.56 -6.17
CA SER A 52 -20.79 3.10 -6.79
C SER A 52 -21.58 4.29 -7.31
N ALA A 53 -22.73 3.99 -7.94
CA ALA A 53 -23.62 5.03 -8.46
C ALA A 53 -24.00 6.06 -7.41
N ASP A 54 -24.21 5.55 -6.19
CA ASP A 54 -24.67 6.34 -5.11
C ASP A 54 -23.58 7.17 -4.42
N ASP A 55 -22.31 6.93 -4.84
CA ASP A 55 -21.18 7.82 -4.40
C ASP A 55 -21.05 9.12 -5.16
N LEU A 56 -22.10 9.97 -5.09
CA LEU A 56 -22.12 11.19 -5.91
C LEU A 56 -20.90 12.12 -5.61
N ILE A 57 -20.48 12.21 -4.31
CA ILE A 57 -19.39 13.14 -3.97
C ILE A 57 -18.08 12.72 -4.69
N PHE A 58 -17.88 11.41 -4.85
CA PHE A 58 -16.78 10.93 -5.68
C PHE A 58 -16.97 11.23 -7.15
N ARG A 59 -18.15 10.85 -7.69
CA ARG A 59 -18.43 11.01 -9.14
C ARG A 59 -18.32 12.52 -9.50
N LEU A 60 -18.85 13.40 -8.62
CA LEU A 60 -18.74 14.88 -8.81
C LEU A 60 -17.32 15.43 -8.89
N MET A 61 -16.41 14.79 -8.17
CA MET A 61 -14.96 15.06 -8.30
C MET A 61 -14.23 14.33 -9.40
N GLY A 62 -14.91 13.51 -10.17
CA GLY A 62 -14.24 12.82 -11.30
C GLY A 62 -14.02 11.31 -11.22
N ALA A 63 -14.38 10.66 -10.08
CA ALA A 63 -14.19 9.17 -9.88
C ALA A 63 -15.13 8.46 -10.85
N LYS A 64 -14.72 7.34 -11.42
CA LYS A 64 -15.60 6.45 -12.17
C LYS A 64 -16.21 5.36 -11.23
N ILE A 65 -17.49 5.11 -11.45
CA ILE A 65 -18.12 3.87 -10.99
C ILE A 65 -17.19 2.67 -11.24
N GLY A 66 -16.98 1.88 -10.18
CA GLY A 66 -16.13 0.69 -10.24
C GLY A 66 -14.63 0.87 -9.92
N GLU A 67 -14.18 2.16 -9.74
CA GLU A 67 -12.82 2.50 -9.38
C GLU A 67 -12.73 2.29 -7.87
N TYR A 68 -11.67 1.64 -7.39
CA TYR A 68 -11.44 1.63 -5.90
C TYR A 68 -11.41 3.07 -5.45
N LYS A 69 -12.24 3.42 -4.43
CA LYS A 69 -12.05 4.64 -3.60
C LYS A 69 -10.61 5.10 -3.39
N VAL A 70 -9.75 4.27 -2.82
CA VAL A 70 -8.46 4.70 -2.48
C VAL A 70 -7.63 5.08 -3.70
N LYS A 71 -7.90 4.41 -4.82
CA LYS A 71 -7.16 4.64 -6.04
C LYS A 71 -7.59 5.96 -6.66
N PHE A 72 -8.89 6.25 -6.57
CA PHE A 72 -9.21 7.59 -6.93
C PHE A 72 -8.49 8.65 -6.08
N ILE A 73 -8.48 8.47 -4.79
CA ILE A 73 -7.88 9.49 -3.92
C ILE A 73 -6.35 9.65 -4.22
N GLU A 74 -5.66 8.48 -4.40
CA GLU A 74 -4.25 8.45 -4.82
C GLU A 74 -4.04 9.19 -6.09
N SER A 75 -4.97 9.02 -7.05
CA SER A 75 -4.83 9.66 -8.31
C SER A 75 -4.75 11.17 -8.25
N LEU A 76 -5.31 11.78 -7.22
CA LEU A 76 -5.25 13.21 -7.09
C LEU A 76 -3.87 13.74 -6.79
N ALA A 77 -3.01 12.94 -6.19
CA ALA A 77 -1.62 13.31 -5.99
C ALA A 77 -0.80 12.84 -7.18
N CYS A 78 -0.94 13.61 -8.24
CA CYS A 78 -0.23 13.45 -9.52
C CYS A 78 1.25 13.71 -9.37
N ASP A 79 1.99 13.40 -10.43
CA ASP A 79 3.44 13.74 -10.54
C ASP A 79 3.65 15.14 -10.10
N GLY A 80 4.59 15.27 -9.19
CA GLY A 80 5.01 16.53 -8.67
C GLY A 80 4.42 16.95 -7.36
N PHE A 81 3.32 16.34 -6.98
CA PHE A 81 2.66 16.63 -5.71
C PHE A 81 3.65 16.47 -4.53
N SER A 82 3.78 17.46 -3.66
CA SER A 82 4.84 17.27 -2.61
C SER A 82 4.46 16.44 -1.30
N ARG A 83 3.20 16.07 -1.05
CA ARG A 83 3.02 15.05 -0.04
C ARG A 83 2.91 13.63 -0.70
N THR A 84 3.06 12.56 0.07
CA THR A 84 2.91 11.24 -0.48
C THR A 84 1.46 10.77 -0.14
N VAL A 85 0.68 10.30 -1.12
CA VAL A 85 -0.65 9.70 -0.83
C VAL A 85 -0.53 8.28 -1.41
N GLN A 86 -0.86 7.31 -0.58
CA GLN A 86 -0.74 5.89 -0.86
C GLN A 86 -2.13 5.31 -0.62
N GLY A 87 -2.71 4.59 -1.57
CA GLY A 87 -3.97 3.98 -1.25
C GLY A 87 -3.80 2.48 -1.26
N ILE A 88 -4.35 1.77 -0.28
CA ILE A 88 -4.31 0.28 -0.27
C ILE A 88 -5.80 -0.16 -0.28
N PRO A 89 -6.19 -0.90 -1.35
CA PRO A 89 -7.58 -1.26 -1.58
C PRO A 89 -8.05 -2.51 -0.88
N GLU A 90 -7.88 -2.45 0.48
CA GLU A 90 -8.29 -3.64 1.22
C GLU A 90 -9.06 -3.23 2.41
N TYR A 91 -9.97 -4.10 2.85
CA TYR A 91 -10.52 -3.92 4.22
C TYR A 91 -9.46 -4.23 5.34
N ILE A 92 -9.43 -3.53 6.50
CA ILE A 92 -8.60 -4.07 7.63
C ILE A 92 -9.35 -5.18 8.33
N THR A 93 -8.64 -6.32 8.50
CA THR A 93 -9.19 -7.48 9.25
C THR A 93 -8.22 -7.77 10.36
N GLY A 94 -8.61 -8.63 11.32
CA GLY A 94 -7.66 -9.14 12.31
C GLY A 94 -6.36 -9.64 11.65
N ASP A 95 -6.42 -10.06 10.39
CA ASP A 95 -5.28 -10.65 9.75
C ASP A 95 -4.25 -9.76 8.98
N ASN A 96 -4.55 -8.49 8.74
CA ASN A 96 -3.64 -7.51 8.15
C ASN A 96 -3.46 -6.22 8.97
N LEU A 97 -3.46 -6.35 10.27
CA LEU A 97 -3.04 -5.18 11.09
C LEU A 97 -1.69 -4.58 10.81
N ARG A 98 -0.83 -5.33 10.15
CA ARG A 98 0.50 -4.78 9.82
C ARG A 98 0.43 -3.63 8.80
N LEU A 99 -0.76 -3.43 8.17
CA LEU A 99 -1.00 -2.31 7.28
C LEU A 99 -1.09 -1.01 8.10
N ILE A 100 -1.25 -1.16 9.39
CA ILE A 100 -1.45 -0.06 10.31
C ILE A 100 -0.12 0.31 10.96
N GLY A 101 0.43 1.45 10.61
CA GLY A 101 1.29 2.12 11.67
C GLY A 101 1.19 3.65 11.60
N GLY A 102 2.34 4.32 11.37
CA GLY A 102 2.39 5.75 11.18
C GLY A 102 2.43 6.42 12.50
N ASP A 103 2.08 7.72 12.51
CA ASP A 103 1.99 8.63 13.61
C ASP A 103 0.62 8.86 14.15
N VAL A 104 -0.43 8.94 13.33
CA VAL A 104 -1.80 9.05 13.85
C VAL A 104 -2.66 8.08 12.95
N VAL A 105 -3.59 7.38 13.57
CA VAL A 105 -4.53 6.44 12.92
C VAL A 105 -5.92 6.89 13.20
N CYS A 106 -6.66 7.25 12.13
CA CYS A 106 -8.00 7.72 12.20
C CYS A 106 -8.93 6.71 11.56
N VAL A 107 -9.89 6.21 12.33
CA VAL A 107 -10.82 5.20 11.82
C VAL A 107 -12.17 5.85 11.55
N GLU A 108 -12.61 5.77 10.30
CA GLU A 108 -13.88 6.33 9.80
C GLU A 108 -14.59 5.27 8.91
N ILE A 109 -14.93 4.17 9.48
CA ILE A 109 -15.52 3.03 8.73
C ILE A 109 -16.98 2.97 9.11
N ALA A 110 -17.71 2.35 8.21
CA ALA A 110 -19.15 2.15 8.41
C ALA A 110 -19.51 0.90 7.68
N GLY A 111 -20.50 0.17 8.21
CA GLY A 111 -21.05 -0.91 7.46
C GLY A 111 -20.78 -2.10 8.35
N GLY A 112 -21.87 -2.75 8.75
CA GLY A 112 -21.80 -4.00 9.52
C GLY A 112 -21.43 -3.63 10.92
N ASP A 113 -20.92 -4.60 11.66
CA ASP A 113 -20.44 -4.30 12.98
C ASP A 113 -18.96 -4.04 12.85
N THR A 114 -18.66 -2.77 13.07
CA THR A 114 -17.38 -2.18 13.05
C THR A 114 -16.66 -2.08 14.38
N LEU A 115 -17.33 -2.33 15.54
CA LEU A 115 -16.63 -2.07 16.84
C LEU A 115 -15.45 -3.10 17.13
N PRO A 116 -15.66 -4.41 16.89
CA PRO A 116 -14.52 -5.30 17.18
C PRO A 116 -13.26 -4.91 16.32
N ILE A 117 -13.42 -4.64 15.03
CA ILE A 117 -12.23 -4.16 14.22
C ILE A 117 -11.59 -2.79 14.60
N THR A 118 -12.46 -1.86 15.00
CA THR A 118 -12.05 -0.58 15.51
C THR A 118 -11.24 -0.83 16.73
N THR A 119 -11.75 -1.62 17.68
CA THR A 119 -10.88 -1.92 18.83
C THR A 119 -9.53 -2.53 18.46
N GLU A 120 -9.52 -3.44 17.49
CA GLU A 120 -8.25 -4.21 17.16
C GLU A 120 -7.21 -3.25 16.51
N ILE A 121 -7.78 -2.30 15.68
CA ILE A 121 -7.02 -1.23 15.03
C ILE A 121 -6.43 -0.30 16.13
N ILE A 122 -7.23 0.11 17.16
CA ILE A 122 -6.65 1.08 18.14
C ILE A 122 -5.60 0.38 18.95
N ARG A 123 -5.76 -0.92 19.24
CA ARG A 123 -4.71 -1.58 20.09
C ARG A 123 -3.45 -1.66 19.36
N TYR A 124 -3.52 -2.15 18.10
CA TYR A 124 -2.39 -2.46 17.39
C TYR A 124 -1.56 -1.10 17.19
N ALA A 125 -2.30 -0.06 16.82
CA ALA A 125 -1.66 1.19 16.51
C ALA A 125 -1.04 1.81 17.78
N GLN A 126 -1.74 1.76 18.91
CA GLN A 126 -1.14 2.43 20.08
C GLN A 126 0.03 1.60 20.54
N GLU A 127 0.01 0.28 20.26
CA GLU A 127 1.15 -0.63 20.60
C GLU A 127 2.42 -0.13 19.91
N ARG A 128 2.23 0.31 18.65
CA ARG A 128 3.32 0.70 17.72
C ARG A 128 3.61 2.19 17.96
N GLY A 129 3.01 2.80 18.95
CA GLY A 129 3.32 4.20 19.21
C GLY A 129 2.49 5.28 18.43
N ALA A 130 1.37 4.91 17.80
CA ALA A 130 0.55 5.82 17.01
C ALA A 130 -0.47 6.37 17.87
N ALA A 131 -0.76 7.69 17.81
CA ALA A 131 -2.01 8.21 18.49
C ALA A 131 -3.30 7.86 17.74
N THR A 132 -4.49 7.85 18.36
CA THR A 132 -5.64 7.23 17.68
C THR A 132 -6.83 8.10 17.78
N ILE A 133 -7.71 8.05 16.78
CA ILE A 133 -8.92 8.88 16.73
C ILE A 133 -9.98 8.17 15.90
N SER A 134 -11.29 8.32 16.21
CA SER A 134 -12.29 7.65 15.45
C SER A 134 -13.57 8.37 15.73
N THR A 135 -14.67 7.86 15.15
CA THR A 135 -15.94 8.58 15.24
C THR A 135 -16.89 8.01 16.35
N MET A 136 -17.77 8.89 16.83
CA MET A 136 -18.75 8.38 17.84
C MET A 136 -20.16 8.74 17.41
N GLY A 137 -20.58 8.31 16.19
CA GLY A 137 -21.88 8.76 15.68
C GLY A 137 -21.77 9.94 14.73
N VAL A 138 -22.11 9.72 13.46
CA VAL A 138 -22.07 10.81 12.45
C VAL A 138 -23.45 11.06 11.82
N PHE A 139 -24.49 10.51 12.48
CA PHE A 139 -25.87 10.90 12.07
C PHE A 139 -26.26 12.37 12.36
N GLY A 140 -27.10 12.90 11.49
CA GLY A 140 -27.55 14.29 11.80
C GLY A 140 -28.13 14.96 10.55
N ILE A 141 -29.02 15.94 10.75
CA ILE A 141 -29.74 16.52 9.65
C ILE A 141 -29.12 17.82 9.30
N GLY A 142 -28.15 18.32 10.09
CA GLY A 142 -27.28 19.34 9.60
C GLY A 142 -27.05 20.26 10.73
N GLU A 143 -28.12 20.40 11.53
CA GLU A 143 -28.22 21.27 12.71
C GLU A 143 -27.83 20.62 14.09
N GLU A 144 -26.68 19.92 14.12
CA GLU A 144 -26.16 19.21 15.30
C GLU A 144 -24.82 19.81 15.53
N ASP A 145 -24.42 19.77 16.79
CA ASP A 145 -23.06 20.15 17.17
C ASP A 145 -22.20 18.96 16.97
N VAL A 146 -20.96 19.24 16.66
CA VAL A 146 -19.96 18.11 16.58
C VAL A 146 -19.10 18.25 17.76
N SER A 147 -18.94 17.20 18.59
CA SER A 147 -18.11 17.31 19.74
C SER A 147 -16.92 16.31 19.70
N VAL A 148 -15.97 16.58 20.58
CA VAL A 148 -14.68 15.86 20.63
C VAL A 148 -14.48 15.60 22.15
N VAL A 149 -14.01 14.43 22.48
CA VAL A 149 -13.94 13.94 23.90
C VAL A 149 -12.89 12.80 23.86
N ASP A 150 -12.08 12.67 24.91
CA ASP A 150 -11.29 11.47 25.09
C ASP A 150 -12.25 10.32 25.51
N ILE A 151 -11.88 9.08 25.25
CA ILE A 151 -12.64 7.93 25.62
C ILE A 151 -12.97 7.87 27.09
N ASP A 152 -12.10 8.39 27.94
CA ASP A 152 -12.44 8.19 29.38
C ASP A 152 -13.36 9.32 29.92
N GLU A 153 -13.67 10.37 29.11
CA GLU A 153 -14.72 11.35 29.44
C GLU A 153 -15.99 11.10 28.62
N ALA A 154 -16.00 10.10 27.73
CA ALA A 154 -17.09 9.98 26.74
C ALA A 154 -18.34 9.44 27.49
N ASP A 155 -19.54 9.79 26.99
CA ASP A 155 -20.83 9.38 27.54
C ASP A 155 -20.92 7.81 27.58
N PRO A 156 -21.12 7.26 28.83
CA PRO A 156 -21.11 5.84 28.82
C PRO A 156 -22.36 5.14 28.24
N GLU A 157 -23.39 5.93 28.00
CA GLU A 157 -24.57 5.48 27.28
C GLU A 157 -24.37 5.50 25.78
N ASN A 158 -23.26 6.02 25.29
CA ASN A 158 -23.07 5.99 23.85
C ASN A 158 -22.51 4.58 23.68
N PRO A 159 -23.12 3.75 22.79
CA PRO A 159 -22.65 2.38 22.57
C PRO A 159 -21.25 2.25 22.11
N ILE A 160 -20.80 3.18 21.25
CA ILE A 160 -19.40 3.21 20.86
C ILE A 160 -18.36 3.42 22.01
N ALA A 161 -18.54 4.49 22.82
CA ALA A 161 -17.75 4.72 23.98
C ALA A 161 -17.87 3.52 24.92
N ALA A 162 -19.10 2.99 25.12
CA ALA A 162 -19.36 1.86 26.15
C ALA A 162 -18.38 0.68 25.75
N TYR A 163 -18.31 0.41 24.44
CA TYR A 163 -17.63 -0.74 23.92
C TYR A 163 -16.12 -0.63 24.04
N LEU A 164 -15.60 0.48 23.51
CA LEU A 164 -14.20 0.89 23.68
C LEU A 164 -13.80 0.99 25.23
N GLN A 165 -14.66 1.52 26.11
CA GLN A 165 -14.30 1.56 27.54
C GLN A 165 -14.27 0.15 28.10
N ALA A 166 -15.22 -0.74 27.73
CA ALA A 166 -15.14 -2.19 28.22
C ALA A 166 -13.90 -2.88 27.67
N GLU A 167 -13.45 -2.52 26.48
CA GLU A 167 -12.18 -3.04 25.87
C GLU A 167 -10.90 -2.41 26.49
N GLY A 168 -11.10 -1.55 27.51
CA GLY A 168 -10.05 -0.87 28.27
C GLY A 168 -9.12 0.00 27.39
N ILE A 169 -9.72 0.64 26.42
CA ILE A 169 -9.05 1.66 25.55
C ILE A 169 -8.92 3.03 26.32
N HIS A 170 -7.75 3.65 26.28
CA HIS A 170 -7.49 4.96 26.92
C HIS A 170 -6.78 5.88 25.86
N GLU A 171 -6.75 7.19 26.06
CA GLU A 171 -5.92 8.07 25.19
C GLU A 171 -6.27 7.99 23.77
N HIS A 172 -7.59 8.15 23.58
CA HIS A 172 -8.18 7.90 22.29
C HIS A 172 -9.26 8.98 22.13
N VAL A 173 -9.15 9.73 21.01
CA VAL A 173 -9.97 10.89 20.72
C VAL A 173 -11.22 10.41 20.00
N LEU A 174 -12.43 10.88 20.39
CA LEU A 174 -13.66 10.54 19.62
C LEU A 174 -14.31 11.77 19.06
N VAL A 175 -14.76 11.70 17.79
CA VAL A 175 -15.42 12.89 17.20
C VAL A 175 -16.78 12.48 16.68
N GLY A 176 -17.80 13.36 16.80
CA GLY A 176 -18.96 13.14 15.99
C GLY A 176 -20.11 13.80 16.74
N THR A 177 -21.32 13.50 16.28
CA THR A 177 -22.55 14.11 16.69
C THR A 177 -23.17 13.31 17.85
N GLY A 178 -22.78 12.07 18.04
CA GLY A 178 -23.25 11.27 19.15
C GLY A 178 -24.62 10.67 18.82
N LYS A 179 -25.14 10.94 17.61
CA LYS A 179 -26.40 10.29 17.14
C LYS A 179 -26.04 9.07 16.34
N LEU A 180 -26.74 7.98 16.61
CA LEU A 180 -26.32 6.72 16.00
C LEU A 180 -27.41 6.05 15.21
N ILE A 181 -27.16 4.82 14.75
CA ILE A 181 -28.00 4.20 13.74
C ILE A 181 -29.42 4.02 14.30
N ARG A 182 -29.51 3.62 15.57
CA ARG A 182 -30.82 3.41 16.16
C ARG A 182 -31.72 4.64 16.01
N ASP A 183 -31.26 5.84 16.37
CA ASP A 183 -32.20 7.00 16.35
C ASP A 183 -32.53 7.53 14.91
N TRP A 184 -33.39 8.54 14.77
CA TRP A 184 -34.11 8.68 13.50
C TRP A 184 -33.34 9.40 12.39
N GLU A 185 -32.44 10.29 12.75
CA GLU A 185 -31.77 11.14 11.72
C GLU A 185 -30.90 10.30 10.79
N PRO A 186 -30.99 10.56 9.48
CA PRO A 186 -30.05 10.02 8.50
C PRO A 186 -28.69 10.73 8.50
N VAL A 187 -27.85 10.45 7.51
CA VAL A 187 -26.57 11.18 7.40
C VAL A 187 -26.65 12.17 6.22
N THR A 188 -26.51 13.49 6.48
CA THR A 188 -26.53 14.58 5.45
C THR A 188 -25.07 15.01 5.13
N PRO A 189 -24.87 15.56 3.95
CA PRO A 189 -23.50 15.90 3.55
C PRO A 189 -22.95 17.00 4.43
N HIS A 190 -23.82 17.91 4.93
CA HIS A 190 -23.31 19.02 5.74
C HIS A 190 -22.76 18.55 7.04
N VAL A 191 -23.47 17.55 7.63
CA VAL A 191 -22.94 16.98 8.89
C VAL A 191 -21.60 16.31 8.66
N LEU A 192 -21.48 15.61 7.55
CA LEU A 192 -20.18 15.01 7.22
C LEU A 192 -19.04 16.03 6.94
N ASP A 193 -19.41 17.17 6.33
CA ASP A 193 -18.43 18.22 6.19
C ASP A 193 -17.99 18.78 7.47
N ARG A 194 -18.94 18.96 8.36
CA ARG A 194 -18.52 19.41 9.72
C ARG A 194 -17.71 18.38 10.46
N VAL A 195 -18.16 17.13 10.58
CA VAL A 195 -17.35 16.16 11.26
C VAL A 195 -15.92 16.02 10.63
N SER A 196 -15.89 16.01 9.27
CA SER A 196 -14.56 16.04 8.63
C SER A 196 -13.64 17.18 8.95
N GLU A 197 -14.16 18.37 9.05
CA GLU A 197 -13.33 19.52 9.45
C GLU A 197 -12.75 19.40 10.87
N VAL A 198 -13.60 19.02 11.79
CA VAL A 198 -13.19 18.80 13.19
C VAL A 198 -12.18 17.68 13.27
N MET A 199 -12.42 16.55 12.65
CA MET A 199 -11.52 15.42 12.58
C MET A 199 -10.18 15.83 12.06
N THR A 200 -10.17 16.60 10.98
CA THR A 200 -8.89 17.11 10.45
C THR A 200 -8.16 17.95 11.54
N ALA A 201 -8.88 18.82 12.19
CA ALA A 201 -8.25 19.68 13.18
C ALA A 201 -7.66 18.80 14.32
N GLU A 202 -8.35 17.77 14.73
CA GLU A 202 -7.88 16.89 15.87
C GLU A 202 -6.78 16.01 15.43
N ILE A 203 -6.83 15.55 14.17
CA ILE A 203 -5.63 14.86 13.64
C ILE A 203 -4.39 15.79 13.70
N LEU A 204 -4.53 17.07 13.36
CA LEU A 204 -3.34 17.88 13.30
C LEU A 204 -2.82 18.07 14.73
N LYS A 205 -3.76 18.17 15.68
CA LYS A 205 -3.26 18.29 17.12
C LYS A 205 -2.44 17.03 17.49
N LEU A 206 -2.96 15.86 17.20
CA LEU A 206 -2.28 14.61 17.52
C LEU A 206 -0.89 14.49 16.81
N LEU A 207 -0.82 15.09 15.62
CA LEU A 207 0.34 15.00 14.77
C LEU A 207 1.42 15.82 15.45
N ARG A 208 1.01 16.89 16.18
CA ARG A 208 1.96 17.80 16.76
C ARG A 208 2.53 17.01 17.95
N GLY A 209 1.64 16.37 18.71
CA GLY A 209 2.01 15.55 19.89
C GLY A 209 3.07 14.48 19.61
N ALA A 210 3.01 13.85 18.44
CA ALA A 210 4.05 12.88 17.98
C ALA A 210 5.50 13.38 18.02
N LYS B 10 14.25 14.85 -19.50
CA LYS B 10 14.10 13.51 -18.88
C LYS B 10 13.75 13.72 -17.41
N VAL B 11 12.56 13.29 -17.02
CA VAL B 11 12.07 13.29 -15.63
C VAL B 11 11.38 11.96 -15.26
N PRO B 12 11.36 11.57 -13.96
CA PRO B 12 10.67 10.33 -13.53
C PRO B 12 9.21 10.26 -13.97
N HIS B 13 8.74 9.14 -14.57
CA HIS B 13 7.32 8.94 -14.98
C HIS B 13 6.97 7.42 -14.88
N GLY B 14 5.80 7.15 -14.30
CA GLY B 14 5.19 5.88 -14.42
C GLY B 14 5.49 5.07 -13.20
N GLU B 15 4.79 3.98 -13.11
CA GLU B 15 4.86 3.15 -11.95
C GLU B 15 5.37 1.78 -12.18
N VAL B 16 6.30 1.32 -11.31
CA VAL B 16 6.71 -0.10 -11.43
C VAL B 16 6.28 -0.88 -10.15
N THR B 17 5.85 -2.13 -10.28
CA THR B 17 5.47 -2.94 -9.03
C THR B 17 6.41 -4.04 -9.00
N LEU B 18 7.11 -4.22 -7.87
CA LEU B 18 7.97 -5.40 -7.69
C LEU B 18 7.21 -6.33 -6.75
N VAL B 19 6.76 -7.49 -7.30
CA VAL B 19 6.23 -8.49 -6.47
C VAL B 19 7.37 -9.41 -6.04
N GLY B 20 7.63 -9.35 -4.75
CA GLY B 20 8.78 -10.03 -4.14
C GLY B 20 9.96 -9.00 -3.97
N ALA B 21 10.48 -8.92 -2.74
CA ALA B 21 11.47 -7.99 -2.42
C ALA B 21 12.42 -8.74 -1.48
N GLY B 22 12.86 -9.95 -1.84
CA GLY B 22 13.89 -10.65 -1.00
C GLY B 22 15.32 -10.37 -1.55
N ARG B 23 16.27 -11.34 -1.52
CA ARG B 23 17.68 -11.06 -1.94
C ARG B 23 17.68 -10.42 -3.35
N LEU B 24 16.83 -10.94 -4.26
CA LEU B 24 16.86 -10.41 -5.61
C LEU B 24 15.97 -9.16 -5.70
N GLY B 25 14.73 -9.20 -5.17
CA GLY B 25 13.81 -8.08 -5.51
C GLY B 25 14.31 -6.81 -4.73
N PHE B 26 15.05 -6.99 -3.63
CA PHE B 26 15.59 -5.79 -2.80
C PHE B 26 16.66 -5.14 -3.67
N ARG B 27 17.48 -6.01 -4.32
CA ARG B 27 18.47 -5.50 -5.27
C ARG B 27 17.86 -4.68 -6.50
N THR B 28 16.77 -5.19 -7.04
CA THR B 28 16.11 -4.44 -8.19
C THR B 28 15.43 -3.16 -7.68
N ALA B 29 14.86 -3.26 -6.47
CA ALA B 29 14.41 -2.00 -5.80
C ALA B 29 15.48 -0.96 -5.67
N LEU B 30 16.65 -1.35 -5.13
CA LEU B 30 17.73 -0.44 -4.88
C LEU B 30 18.20 0.12 -6.18
N ASN B 31 18.37 -0.74 -7.19
CA ASN B 31 18.65 -0.20 -8.52
C ASN B 31 17.67 0.92 -9.01
N LEU B 32 16.35 0.66 -8.97
CA LEU B 32 15.34 1.50 -9.61
C LEU B 32 15.32 2.76 -8.75
N MET B 33 15.53 2.62 -7.43
CA MET B 33 15.43 3.84 -6.52
C MET B 33 16.58 4.84 -6.64
N GLN B 34 17.71 4.43 -7.33
CA GLN B 34 18.92 5.28 -7.58
C GLN B 34 18.99 5.77 -9.03
N ILE B 35 17.99 5.48 -9.81
CA ILE B 35 17.91 6.07 -11.11
C ILE B 35 17.74 7.60 -11.11
N HIS B 36 18.53 8.23 -11.97
CA HIS B 36 18.28 9.65 -12.27
C HIS B 36 18.13 10.03 -13.68
N ARG B 37 17.55 11.21 -13.93
CA ARG B 37 17.36 11.65 -15.34
C ARG B 37 16.30 10.72 -16.02
N GLY B 38 15.23 10.36 -15.30
CA GLY B 38 14.21 9.41 -15.81
C GLY B 38 13.91 8.25 -14.80
N GLY B 39 13.49 7.08 -15.27
CA GLY B 39 13.02 5.97 -14.36
C GLY B 39 11.62 6.20 -13.89
N PRO B 40 11.10 5.23 -13.09
CA PRO B 40 9.73 5.34 -12.64
C PRO B 40 9.54 6.45 -11.59
N GLU B 41 8.38 7.00 -11.54
CA GLU B 41 7.93 7.98 -10.48
C GLU B 41 7.49 7.30 -9.26
N ARG B 42 6.92 6.10 -9.42
CA ARG B 42 6.41 5.39 -8.31
C ARG B 42 6.94 4.01 -8.36
N ILE B 43 7.43 3.52 -7.20
CA ILE B 43 7.84 2.13 -7.03
C ILE B 43 7.05 1.54 -5.94
N LYS B 44 6.35 0.44 -6.26
CA LYS B 44 5.46 -0.21 -5.35
C LYS B 44 6.11 -1.60 -5.04
N VAL B 45 6.41 -1.86 -3.80
CA VAL B 45 7.09 -3.07 -3.45
C VAL B 45 6.19 -3.95 -2.60
N ILE B 46 5.98 -5.23 -3.01
CA ILE B 46 4.90 -6.06 -2.33
C ILE B 46 5.56 -7.33 -1.87
N ASP B 47 5.50 -7.66 -0.55
CA ASP B 47 6.24 -8.90 -0.09
C ASP B 47 5.67 -9.09 1.33
N GLY B 48 5.17 -10.31 1.68
CA GLY B 48 4.72 -10.65 3.05
C GLY B 48 5.82 -10.94 4.12
N GLN B 49 7.15 -10.81 3.78
CA GLN B 49 8.17 -11.54 4.67
C GLN B 49 8.99 -10.41 5.46
N LYS B 50 9.38 -10.80 6.60
CA LYS B 50 10.14 -10.00 7.56
C LYS B 50 11.64 -10.34 7.32
N VAL B 51 12.55 -9.40 7.71
CA VAL B 51 14.00 -9.56 7.56
C VAL B 51 14.39 -10.57 8.63
N SER B 52 15.23 -11.51 8.20
CA SER B 52 15.72 -12.50 9.16
C SER B 52 17.24 -12.32 9.38
N ALA B 53 17.80 -13.06 10.38
CA ALA B 53 19.25 -13.08 10.63
C ALA B 53 20.03 -13.52 9.34
N ASP B 54 19.49 -14.45 8.54
CA ASP B 54 20.10 -14.82 7.31
C ASP B 54 20.10 -13.76 6.21
N ASP B 55 19.21 -12.77 6.29
CA ASP B 55 19.21 -11.69 5.27
C ASP B 55 20.33 -10.61 5.39
N LEU B 56 21.59 -11.01 5.08
CA LEU B 56 22.74 -10.12 5.49
C LEU B 56 22.72 -8.88 4.75
N ILE B 57 22.34 -8.93 3.44
CA ILE B 57 22.32 -7.77 2.58
C ILE B 57 21.42 -6.71 3.22
N PHE B 58 20.28 -7.18 3.75
CA PHE B 58 19.36 -6.23 4.36
C PHE B 58 20.00 -5.59 5.67
N ARG B 59 20.49 -6.52 6.48
CA ARG B 59 21.22 -6.20 7.82
C ARG B 59 22.39 -5.27 7.63
N LEU B 60 23.17 -5.48 6.57
CA LEU B 60 24.34 -4.63 6.37
C LEU B 60 23.92 -3.27 5.93
N MET B 61 22.70 -3.12 5.41
CA MET B 61 22.24 -1.80 5.00
C MET B 61 21.43 -1.14 6.16
N GLY B 62 21.41 -1.76 7.32
CA GLY B 62 20.77 -1.14 8.50
C GLY B 62 19.37 -1.59 8.87
N ALA B 63 18.86 -2.67 8.25
CA ALA B 63 17.53 -3.19 8.55
C ALA B 63 17.66 -3.97 9.83
N LYS B 64 16.55 -3.98 10.54
CA LYS B 64 16.56 -4.69 11.77
C LYS B 64 15.85 -6.04 11.50
N ILE B 65 16.34 -7.07 12.14
CA ILE B 65 15.66 -8.34 12.14
C ILE B 65 14.23 -8.15 12.67
N GLY B 66 13.25 -8.72 12.00
CA GLY B 66 11.88 -8.51 12.42
C GLY B 66 11.11 -7.46 11.60
N GLU B 67 11.83 -6.52 11.01
CA GLU B 67 11.21 -5.49 10.13
C GLU B 67 10.66 -6.13 8.88
N TYR B 68 9.47 -5.73 8.44
CA TYR B 68 9.10 -6.15 7.05
C TYR B 68 10.05 -5.64 6.06
N LYS B 69 10.46 -6.58 5.16
CA LYS B 69 11.34 -6.18 3.98
C LYS B 69 10.87 -4.88 3.25
N VAL B 70 9.58 -4.77 2.97
CA VAL B 70 9.03 -3.64 2.29
C VAL B 70 9.01 -2.37 3.12
N LYS B 71 8.93 -2.48 4.51
CA LYS B 71 8.86 -1.22 5.31
C LYS B 71 10.29 -0.71 5.22
N PHE B 72 11.24 -1.62 5.25
CA PHE B 72 12.69 -1.24 5.20
C PHE B 72 12.91 -0.42 3.99
N ILE B 73 12.43 -0.94 2.84
CA ILE B 73 12.66 -0.41 1.50
C ILE B 73 12.05 0.98 1.45
N GLU B 74 10.82 1.10 1.96
CA GLU B 74 10.11 2.36 1.91
C GLU B 74 10.84 3.33 2.83
N SER B 75 11.42 2.82 3.95
CA SER B 75 12.12 3.71 4.88
C SER B 75 13.31 4.46 4.22
N LEU B 76 13.96 3.85 3.22
CA LEU B 76 15.05 4.51 2.54
C LEU B 76 14.63 5.74 1.72
N ALA B 77 13.39 5.76 1.32
CA ALA B 77 12.83 6.85 0.59
C ALA B 77 12.30 7.95 1.52
N CYS B 78 13.17 8.59 2.28
CA CYS B 78 12.73 9.62 3.26
C CYS B 78 12.08 10.89 2.70
N ASP B 79 11.64 11.76 3.65
CA ASP B 79 11.16 13.13 3.36
C ASP B 79 12.15 13.83 2.38
N GLY B 80 11.69 14.34 1.26
CA GLY B 80 12.60 14.99 0.32
C GLY B 80 12.78 14.15 -0.92
N PHE B 81 12.72 12.81 -0.77
CA PHE B 81 12.87 11.91 -1.91
C PHE B 81 11.83 12.34 -2.97
N SER B 82 12.34 12.52 -4.13
CA SER B 82 11.56 12.86 -5.34
C SER B 82 11.18 11.66 -6.25
N ARG B 83 11.15 10.46 -5.72
CA ARG B 83 10.21 9.49 -6.33
C ARG B 83 9.48 8.94 -5.13
N THR B 84 8.36 8.29 -5.36
CA THR B 84 7.51 7.76 -4.35
C THR B 84 7.73 6.27 -4.29
N VAL B 85 7.98 5.73 -3.08
CA VAL B 85 8.19 4.23 -2.87
C VAL B 85 7.13 3.80 -1.85
N GLN B 86 6.40 2.75 -2.16
CA GLN B 86 5.31 2.21 -1.35
CA GLN B 86 5.31 2.23 -1.36
C GLN B 86 5.50 0.77 -1.13
N GLY B 87 5.52 0.43 0.14
CA GLY B 87 5.79 -0.94 0.63
C GLY B 87 4.45 -1.44 1.13
N ILE B 88 4.02 -2.57 0.59
CA ILE B 88 2.82 -3.32 1.06
C ILE B 88 3.24 -4.69 1.53
N PRO B 89 3.14 -4.89 2.84
CA PRO B 89 3.72 -6.04 3.49
C PRO B 89 2.78 -7.27 3.45
N GLU B 90 2.44 -7.69 2.23
CA GLU B 90 1.54 -8.83 2.00
C GLU B 90 2.07 -9.66 0.92
N TYR B 91 1.78 -10.97 1.01
CA TYR B 91 1.92 -11.90 -0.13
C TYR B 91 0.78 -11.73 -1.07
N ILE B 92 1.10 -11.64 -2.36
CA ILE B 92 0.05 -11.83 -3.36
C ILE B 92 -0.51 -13.21 -3.42
N THR B 93 -1.85 -13.25 -3.47
CA THR B 93 -2.64 -14.49 -3.52
C THR B 93 -3.74 -14.28 -4.54
N GLY B 94 -4.44 -15.38 -4.91
CA GLY B 94 -5.59 -15.21 -5.82
C GLY B 94 -6.65 -14.26 -5.26
N ASP B 95 -6.67 -14.02 -3.95
CA ASP B 95 -7.60 -13.03 -3.38
C ASP B 95 -7.30 -11.55 -3.39
N ASN B 96 -6.01 -11.16 -3.47
CA ASN B 96 -5.72 -9.75 -3.44
C ASN B 96 -5.07 -9.23 -4.70
N LEU B 97 -5.40 -9.85 -5.83
CA LEU B 97 -4.76 -9.45 -7.08
C LEU B 97 -4.93 -7.93 -7.40
N ARG B 98 -5.92 -7.29 -6.79
CA ARG B 98 -6.17 -5.88 -6.89
C ARG B 98 -4.99 -5.02 -6.63
N LEU B 99 -4.07 -5.49 -5.78
CA LEU B 99 -2.81 -4.77 -5.51
C LEU B 99 -1.96 -4.73 -6.78
N ILE B 100 -2.32 -5.55 -7.79
CA ILE B 100 -1.50 -5.59 -9.06
C ILE B 100 -2.01 -4.56 -10.08
N GLY B 101 -1.17 -3.59 -10.50
CA GLY B 101 -1.59 -2.55 -11.47
C GLY B 101 -0.41 -1.76 -12.04
N GLY B 102 -0.59 -0.49 -12.49
CA GLY B 102 0.50 0.43 -12.87
C GLY B 102 1.11 0.06 -14.23
N ASP B 103 2.39 0.36 -14.52
CA ASP B 103 2.88 0.34 -15.89
C ASP B 103 3.72 -0.85 -16.22
N VAL B 104 4.52 -1.27 -15.20
CA VAL B 104 5.32 -2.53 -15.31
C VAL B 104 5.10 -3.29 -14.01
N VAL B 105 4.98 -4.62 -14.09
CA VAL B 105 4.91 -5.46 -12.85
C VAL B 105 5.98 -6.56 -13.02
N CYS B 106 6.91 -6.58 -12.05
CA CYS B 106 8.06 -7.49 -12.12
C CYS B 106 7.97 -8.56 -11.01
N VAL B 107 7.92 -9.82 -11.33
CA VAL B 107 7.72 -10.86 -10.32
C VAL B 107 9.05 -11.51 -9.93
N GLU B 108 9.52 -11.27 -8.70
CA GLU B 108 10.86 -11.86 -8.32
C GLU B 108 10.65 -12.64 -7.00
N ILE B 109 9.78 -13.66 -7.08
CA ILE B 109 9.38 -14.28 -5.80
C ILE B 109 10.07 -15.64 -5.76
N ALA B 110 10.22 -16.21 -4.57
CA ALA B 110 10.75 -17.60 -4.43
C ALA B 110 10.18 -18.11 -3.14
N GLY B 111 10.17 -19.40 -2.98
CA GLY B 111 9.65 -19.88 -1.66
C GLY B 111 8.31 -20.57 -1.90
N GLY B 112 8.36 -21.89 -1.95
CA GLY B 112 7.18 -22.74 -2.16
C GLY B 112 6.60 -22.71 -3.57
N ASP B 113 5.29 -22.54 -3.68
CA ASP B 113 4.57 -22.81 -4.92
C ASP B 113 4.39 -21.57 -5.81
N THR B 114 5.44 -21.17 -6.52
CA THR B 114 5.41 -19.82 -7.10
C THR B 114 4.90 -19.76 -8.56
N LEU B 115 4.89 -20.86 -9.27
CA LEU B 115 4.43 -20.77 -10.68
C LEU B 115 2.90 -20.51 -10.89
N PRO B 116 1.96 -21.16 -10.09
CA PRO B 116 0.57 -20.68 -10.20
C PRO B 116 0.40 -19.18 -9.98
N ILE B 117 0.87 -18.65 -8.88
CA ILE B 117 0.61 -17.23 -8.52
C ILE B 117 1.35 -16.35 -9.58
N THR B 118 2.49 -16.82 -10.10
CA THR B 118 3.17 -16.02 -11.10
C THR B 118 2.30 -15.82 -12.35
N THR B 119 1.68 -16.93 -12.78
CA THR B 119 0.77 -16.97 -14.00
C THR B 119 -0.40 -16.00 -13.78
N GLU B 120 -1.00 -16.05 -12.55
CA GLU B 120 -2.19 -15.25 -12.21
C GLU B 120 -1.82 -13.79 -12.17
N ILE B 121 -0.61 -13.49 -11.75
CA ILE B 121 -0.23 -12.07 -11.68
C ILE B 121 -0.09 -11.53 -13.09
N ILE B 122 0.67 -12.23 -13.95
CA ILE B 122 0.87 -11.80 -15.35
C ILE B 122 -0.50 -11.52 -16.05
N ARG B 123 -1.42 -12.48 -15.98
CA ARG B 123 -2.70 -12.35 -16.71
C ARG B 123 -3.52 -11.19 -16.13
N TYR B 124 -3.58 -11.06 -14.82
CA TYR B 124 -4.31 -10.00 -14.18
C TYR B 124 -3.66 -8.71 -14.48
N ALA B 125 -2.32 -8.65 -14.39
CA ALA B 125 -1.60 -7.37 -14.81
C ALA B 125 -1.84 -6.97 -16.30
N GLN B 126 -1.74 -7.92 -17.21
CA GLN B 126 -1.84 -7.59 -18.66
C GLN B 126 -3.24 -7.16 -19.04
N GLU B 127 -4.22 -7.68 -18.30
CA GLU B 127 -5.63 -7.30 -18.53
C GLU B 127 -5.86 -5.84 -18.14
N ARG B 128 -5.21 -5.38 -17.04
CA ARG B 128 -5.23 -3.95 -16.68
C ARG B 128 -4.18 -3.14 -17.47
N GLY B 129 -3.51 -3.79 -18.43
CA GLY B 129 -2.66 -3.05 -19.41
C GLY B 129 -1.19 -2.86 -18.99
N ALA B 130 -0.79 -3.44 -17.86
CA ALA B 130 0.65 -3.41 -17.39
C ALA B 130 1.48 -4.34 -18.29
N ALA B 131 2.75 -4.01 -18.50
CA ALA B 131 3.70 -4.84 -19.19
C ALA B 131 4.33 -5.75 -18.12
N THR B 132 4.83 -6.94 -18.47
CA THR B 132 5.13 -7.88 -17.40
C THR B 132 6.50 -8.49 -17.61
N ILE B 133 7.14 -8.86 -16.52
CA ILE B 133 8.55 -9.35 -16.49
C ILE B 133 8.69 -10.21 -15.23
N SER B 134 9.43 -11.30 -15.34
CA SER B 134 9.74 -12.21 -14.23
C SER B 134 11.03 -13.00 -14.50
N THR B 135 11.42 -13.84 -13.52
CA THR B 135 12.64 -14.62 -13.64
C THR B 135 12.51 -15.99 -14.30
N MET B 136 13.58 -16.43 -14.94
CA MET B 136 13.67 -17.76 -15.49
C MET B 136 14.77 -18.64 -14.94
N GLY B 137 14.94 -18.59 -13.65
CA GLY B 137 16.12 -19.31 -13.03
C GLY B 137 17.20 -18.37 -12.68
N VAL B 138 17.53 -18.26 -11.37
CA VAL B 138 18.60 -17.28 -10.99
C VAL B 138 19.78 -17.94 -10.22
N PHE B 139 19.83 -19.29 -10.27
CA PHE B 139 21.01 -20.00 -9.68
C PHE B 139 22.24 -19.71 -10.55
N GLY B 140 23.39 -19.77 -9.89
CA GLY B 140 24.67 -19.67 -10.49
C GLY B 140 25.78 -19.34 -9.56
N ILE B 141 27.01 -19.66 -10.00
CA ILE B 141 28.17 -19.50 -9.04
C ILE B 141 28.86 -18.16 -9.26
N GLY B 142 28.52 -17.46 -10.32
CA GLY B 142 29.12 -16.15 -10.55
C GLY B 142 29.18 -15.57 -11.96
N GLU B 143 29.72 -16.29 -12.94
CA GLU B 143 29.80 -15.63 -14.26
C GLU B 143 28.82 -16.20 -15.29
N GLU B 144 27.91 -17.09 -14.89
CA GLU B 144 26.97 -17.68 -15.91
C GLU B 144 26.30 -16.60 -16.73
N ASP B 145 25.99 -16.84 -18.01
CA ASP B 145 25.36 -15.71 -18.76
C ASP B 145 23.95 -15.39 -18.19
N VAL B 146 23.57 -14.09 -18.06
CA VAL B 146 22.17 -13.70 -17.86
C VAL B 146 21.48 -13.33 -19.17
N SER B 147 20.56 -14.17 -19.62
CA SER B 147 19.83 -13.90 -20.86
C SER B 147 18.39 -13.36 -20.64
N VAL B 148 17.89 -12.69 -21.63
CA VAL B 148 16.59 -12.09 -21.65
C VAL B 148 15.88 -12.65 -22.96
N VAL B 149 14.61 -12.93 -22.81
CA VAL B 149 13.89 -13.70 -23.83
C VAL B 149 12.41 -13.59 -23.68
N ASP B 150 11.73 -13.45 -24.83
CA ASP B 150 10.30 -13.29 -24.67
C ASP B 150 9.71 -14.70 -24.40
N ILE B 151 8.53 -14.79 -23.77
CA ILE B 151 8.02 -16.10 -23.46
C ILE B 151 7.92 -16.99 -24.73
N ASP B 152 7.41 -16.43 -25.80
CA ASP B 152 7.29 -17.22 -27.04
C ASP B 152 8.60 -17.57 -27.74
N GLU B 153 9.73 -17.20 -27.17
CA GLU B 153 10.99 -17.52 -27.79
C GLU B 153 11.80 -18.33 -26.82
N ALA B 154 11.19 -18.71 -25.70
CA ALA B 154 11.95 -19.25 -24.59
C ALA B 154 12.00 -20.77 -24.82
N ASP B 155 13.07 -21.38 -24.32
CA ASP B 155 13.36 -22.75 -24.54
C ASP B 155 12.46 -23.62 -23.67
N PRO B 156 11.59 -24.43 -24.32
CA PRO B 156 10.69 -25.25 -23.54
C PRO B 156 11.36 -26.38 -22.66
N GLU B 157 12.67 -26.64 -22.76
CA GLU B 157 13.31 -27.46 -21.72
C GLU B 157 13.19 -26.75 -20.33
N ASN B 158 13.23 -25.42 -20.30
CA ASN B 158 13.08 -24.66 -19.05
C ASN B 158 11.64 -24.84 -18.42
N PRO B 159 11.57 -25.48 -17.25
CA PRO B 159 10.29 -25.70 -16.59
C PRO B 159 9.40 -24.45 -16.37
N ILE B 160 10.00 -23.25 -16.24
CA ILE B 160 9.26 -22.02 -16.02
C ILE B 160 8.62 -21.60 -17.30
N ALA B 161 9.42 -21.52 -18.36
CA ALA B 161 8.90 -21.29 -19.72
C ALA B 161 7.77 -22.27 -20.03
N ALA B 162 8.04 -23.57 -19.79
CA ALA B 162 7.05 -24.62 -20.00
C ALA B 162 5.70 -24.40 -19.27
N TYR B 163 5.78 -24.13 -18.00
CA TYR B 163 4.61 -23.76 -17.26
C TYR B 163 3.90 -22.59 -17.93
N LEU B 164 4.60 -21.43 -18.13
CA LEU B 164 3.89 -20.22 -18.66
C LEU B 164 3.38 -20.45 -20.06
N GLN B 165 4.09 -21.24 -20.87
CA GLN B 165 3.62 -21.49 -22.23
C GLN B 165 2.39 -22.39 -22.18
N ALA B 166 2.35 -23.36 -21.24
CA ALA B 166 1.20 -24.21 -21.07
C ALA B 166 -0.07 -23.42 -20.73
N GLU B 167 0.13 -22.27 -20.09
CA GLU B 167 -0.96 -21.43 -19.55
C GLU B 167 -1.29 -20.34 -20.54
N GLY B 168 -0.67 -20.38 -21.72
CA GLY B 168 -0.94 -19.46 -22.84
C GLY B 168 -0.52 -18.01 -22.61
N ILE B 169 0.63 -17.82 -21.96
CA ILE B 169 1.11 -16.49 -21.58
C ILE B 169 1.85 -16.00 -22.78
N HIS B 170 1.61 -14.78 -23.15
CA HIS B 170 2.31 -14.19 -24.30
C HIS B 170 2.80 -12.83 -23.82
N GLU B 171 3.71 -12.23 -24.63
CA GLU B 171 4.23 -10.86 -24.42
C GLU B 171 4.74 -10.64 -23.00
N HIS B 172 5.66 -11.51 -22.56
CA HIS B 172 6.05 -11.62 -21.19
C HIS B 172 7.57 -11.83 -21.28
N VAL B 173 8.29 -11.01 -20.50
CA VAL B 173 9.81 -11.02 -20.63
C VAL B 173 10.28 -11.85 -19.52
N LEU B 174 11.21 -12.76 -19.80
CA LEU B 174 11.92 -13.46 -18.78
C LEU B 174 13.38 -13.14 -18.75
N VAL B 175 13.91 -13.15 -17.56
CA VAL B 175 15.29 -12.80 -17.35
C VAL B 175 15.87 -13.87 -16.38
N GLY B 176 17.08 -14.37 -16.71
CA GLY B 176 17.76 -15.17 -15.67
C GLY B 176 18.91 -15.99 -16.30
N THR B 177 19.42 -16.93 -15.49
CA THR B 177 20.51 -17.69 -15.94
C THR B 177 20.04 -18.96 -16.56
N GLY B 178 18.79 -19.32 -16.34
CA GLY B 178 18.31 -20.60 -16.92
C GLY B 178 18.59 -21.70 -15.89
N LYS B 179 19.40 -21.42 -14.85
CA LYS B 179 19.73 -22.50 -13.95
C LYS B 179 18.71 -22.56 -12.93
N LEU B 180 18.28 -23.80 -12.69
CA LEU B 180 17.15 -24.10 -11.87
C LEU B 180 17.53 -25.07 -10.71
N ILE B 181 16.54 -25.67 -10.08
CA ILE B 181 16.82 -26.54 -8.93
C ILE B 181 17.60 -27.79 -9.35
N ARG B 182 17.26 -28.34 -10.53
CA ARG B 182 17.96 -29.50 -11.13
C ARG B 182 19.48 -29.26 -11.29
N ASP B 183 19.89 -28.02 -11.58
CA ASP B 183 21.33 -27.67 -11.66
C ASP B 183 22.05 -27.79 -10.25
N TRP B 184 23.34 -28.05 -10.27
CA TRP B 184 24.07 -28.26 -9.03
C TRP B 184 24.32 -26.91 -8.32
N GLU B 185 24.44 -25.82 -9.11
CA GLU B 185 24.75 -24.40 -8.52
C GLU B 185 23.84 -23.84 -7.34
N PRO B 186 24.43 -23.14 -6.34
CA PRO B 186 23.60 -22.47 -5.36
C PRO B 186 23.27 -21.11 -5.93
N VAL B 187 22.74 -20.23 -5.12
CA VAL B 187 22.53 -18.85 -5.64
C VAL B 187 23.55 -17.98 -4.94
N THR B 188 24.35 -17.25 -5.71
CA THR B 188 25.34 -16.38 -5.12
C THR B 188 25.01 -14.93 -5.21
N PRO B 189 25.63 -14.10 -4.30
CA PRO B 189 25.32 -12.62 -4.36
C PRO B 189 25.77 -12.02 -5.70
N HIS B 190 26.86 -12.53 -6.30
CA HIS B 190 27.30 -11.86 -7.59
C HIS B 190 26.26 -12.11 -8.67
N VAL B 191 25.82 -13.31 -8.73
CA VAL B 191 24.78 -13.69 -9.84
C VAL B 191 23.52 -12.88 -9.66
N LEU B 192 23.18 -12.71 -8.42
CA LEU B 192 22.00 -11.77 -8.14
C LEU B 192 22.18 -10.34 -8.54
N ASP B 193 23.32 -9.82 -8.30
CA ASP B 193 23.64 -8.43 -8.71
C ASP B 193 23.41 -8.43 -10.22
N ARG B 194 23.95 -9.43 -10.91
CA ARG B 194 24.06 -9.33 -12.45
C ARG B 194 22.63 -9.53 -12.94
N VAL B 195 21.83 -10.41 -12.29
CA VAL B 195 20.41 -10.59 -12.71
C VAL B 195 19.60 -9.36 -12.36
N SER B 196 19.83 -8.80 -11.15
CA SER B 196 19.15 -7.52 -10.85
C SER B 196 19.44 -6.36 -11.85
N GLU B 197 20.70 -6.28 -12.32
CA GLU B 197 21.14 -5.22 -13.20
C GLU B 197 20.44 -5.44 -14.48
N VAL B 198 20.36 -6.70 -14.96
CA VAL B 198 19.67 -6.86 -16.32
C VAL B 198 18.16 -6.67 -16.14
N MET B 199 17.64 -7.18 -15.01
CA MET B 199 16.19 -6.91 -14.69
C MET B 199 15.87 -5.40 -14.72
N THR B 200 16.72 -4.59 -14.10
CA THR B 200 16.50 -3.18 -14.06
C THR B 200 16.48 -2.56 -15.45
N ALA B 201 17.48 -2.97 -16.27
CA ALA B 201 17.57 -2.51 -17.65
C ALA B 201 16.26 -2.90 -18.40
N GLU B 202 15.76 -4.14 -18.18
CA GLU B 202 14.65 -4.61 -18.97
C GLU B 202 13.32 -3.92 -18.56
N ILE B 203 13.23 -3.67 -17.25
CA ILE B 203 12.09 -2.81 -16.75
C ILE B 203 12.07 -1.40 -17.38
N LEU B 204 13.23 -0.78 -17.49
CA LEU B 204 13.35 0.56 -18.09
C LEU B 204 12.98 0.55 -19.54
N LYS B 205 13.35 -0.53 -20.28
CA LYS B 205 12.80 -0.69 -21.61
C LYS B 205 11.28 -0.79 -21.62
N LEU B 206 10.70 -1.56 -20.71
CA LEU B 206 9.26 -1.71 -20.73
C LEU B 206 8.58 -0.43 -20.36
N LEU B 207 9.22 0.29 -19.46
CA LEU B 207 8.66 1.57 -19.00
C LEU B 207 8.67 2.59 -20.13
N ARG B 208 9.72 2.71 -20.95
CA ARG B 208 9.76 3.61 -22.06
C ARG B 208 8.79 3.25 -23.14
N GLY B 209 8.73 2.00 -23.53
CA GLY B 209 7.74 1.57 -24.50
C GLY B 209 6.31 1.93 -24.05
N ALA B 210 6.04 2.11 -22.74
CA ALA B 210 4.67 2.54 -22.33
C ALA B 210 4.34 4.05 -22.54
PG ATP C . -22.30 7.88 5.91
O1G ATP C . -22.30 8.55 7.33
O2G ATP C . -22.73 6.40 5.82
O3G ATP C . -22.89 8.63 4.75
PB ATP C . -19.56 7.05 5.94
O1B ATP C . -19.68 6.76 7.38
O2B ATP C . -18.38 7.59 5.30
O3B ATP C . -20.69 8.09 5.57
PA ATP C . -19.74 5.13 3.78
O1A ATP C . -20.51 3.88 3.55
O2A ATP C . -19.83 6.15 2.69
O3A ATP C . -20.08 5.74 5.19
O5' ATP C . -18.21 4.73 4.01
C5' ATP C . -17.84 3.72 4.97
C4' ATP C . -16.49 3.14 4.40
O4' ATP C . -15.83 2.37 5.45
C3' ATP C . -16.72 2.29 3.17
O3' ATP C . -15.91 2.85 2.06
C2' ATP C . -16.11 1.00 3.68
O2' ATP C . -15.46 0.32 2.59
C1' ATP C . -15.16 1.31 4.73
N9 ATP C . -14.97 0.16 5.63
C8 ATP C . -15.89 -0.54 6.31
N7 ATP C . -15.27 -1.44 7.06
C5 ATP C . -13.91 -1.39 6.80
C6 ATP C . -12.67 -1.97 7.19
N6 ATP C . -12.71 -3.07 7.91
N1 ATP C . -11.46 -1.49 6.64
C2 ATP C . -11.45 -0.48 5.74
N3 ATP C . -12.52 0.09 5.38
C4 ATP C . -13.75 -0.35 5.81
S SO4 D . -10.88 -6.77 -8.37
O1 SO4 D . -12.32 -6.89 -8.67
O2 SO4 D . -10.52 -5.54 -7.66
O3 SO4 D . -10.22 -6.57 -9.69
O4 SO4 D . -10.44 -8.01 -7.83
PG ATP E . 17.85 -16.38 -3.71
O1G ATP E . 19.15 -16.15 -3.04
O2G ATP E . 16.92 -17.46 -3.08
O3G ATP E . 17.96 -16.59 -5.22
PB ATP E . 15.50 -14.68 -3.89
O1B ATP E . 15.15 -13.23 -3.95
O2B ATP E . 15.00 -15.52 -5.11
O3B ATP E . 17.08 -14.86 -3.62
PA ATP E . 14.41 -14.77 -1.23
O1A ATP E . 15.50 -13.92 -0.53
O2A ATP E . 13.95 -16.01 -0.45
O3A ATP E . 14.81 -15.44 -2.59
O5' ATP E . 13.18 -13.76 -1.48
C5' ATP E . 12.03 -14.17 -2.23
C4' ATP E . 10.93 -13.26 -1.73
O4' ATP E . 9.74 -13.69 -2.48
C3' ATP E . 10.66 -13.38 -0.19
O3' ATP E . 10.94 -12.14 0.48
C2' ATP E . 9.27 -13.82 -0.17
O2' ATP E . 8.51 -13.22 0.83
C1' ATP E . 8.75 -13.37 -1.53
N9 ATP E . 7.48 -14.01 -1.96
C8 ATP E . 7.17 -15.32 -1.98
N7 ATP E . 5.92 -15.54 -2.36
C5 ATP E . 5.39 -14.33 -2.57
C6 ATP E . 4.07 -13.88 -2.94
N6 ATP E . 3.06 -14.82 -3.23
N1 ATP E . 3.93 -12.52 -3.06
C2 ATP E . 4.92 -11.64 -2.70
N3 ATP E . 6.13 -11.99 -2.39
C4 ATP E . 6.42 -13.31 -2.26
S SO4 F . 2.60 -8.60 12.47
O1 SO4 F . 3.60 -9.45 13.13
O2 SO4 F . 1.88 -7.95 13.59
O3 SO4 F . 3.38 -7.67 11.64
O4 SO4 F . 1.73 -9.37 11.53
#